data_2PUF
#
_entry.id   2PUF
#
_cell.length_a   175.920
_cell.length_b   95.050
_cell.length_c   81.590
_cell.angle_alpha   90.00
_cell.angle_beta   90.00
_cell.angle_gamma   90.00
#
_symmetry.space_group_name_H-M   'C 2 2 21'
#
loop_
_entity.id
_entity.type
_entity.pdbx_description
1 polymer "DNA (5'-D(*TP*AP*CP*GP*CP*AP*AP*AP*CP*GP*TP*TP*TP*GP*CP*GP*T )-3')"
2 polymer 'PROTEIN (PURINE REPRESSOR)'
3 non-polymer GUANINE
4 water water
#
loop_
_entity_poly.entity_id
_entity_poly.type
_entity_poly.pdbx_seq_one_letter_code
_entity_poly.pdbx_strand_id
1 'polydeoxyribonucleotide' (DT)(DA)(DC)(DG)(DC)(DA)(DA)(DA)(DC)(DG)(DT)(DT)(DT)(DG)(DC)(DG)(DT) B
2 'polypeptide(L)'
;ATIKDVAKRANVSTTTVSHVINKTRFVAEETRNAVWAAIKELHYSPSAVARSLKVNHTKSIGLLATSSEAAYFAEIIEAV
EKNCFQKGYTLILGNAWNNLEKQRAYLSMMAQKRVDGLLVMCSEYPEPLLAMLEEYRHIPMVVMDWGEAKADFTDAVIDN
AFEGGYMAGRYLIERGHREIGVIPGPLEQNTGAGRLAGFMKAMEEAMIKVPESWIVQGDFEPESGYRAMQQILSQPHRPT
AVFCGGDIMAMGALCAADEMGLRVPQDVSLIGYDNVRNARYFTPALTTIHQPKDSLGETAFNMLLDRIVNKREEPQSIEV
HPRLIERRSVADGPFRDYRR
;
A
#
loop_
_chem_comp.id
_chem_comp.type
_chem_comp.name
_chem_comp.formula
DA DNA linking 2'-DEOXYADENOSINE-5'-MONOPHOSPHATE 'C10 H14 N5 O6 P'
DC DNA linking 2'-DEOXYCYTIDINE-5'-MONOPHOSPHATE 'C9 H14 N3 O7 P'
DG DNA linking 2'-DEOXYGUANOSINE-5'-MONOPHOSPHATE 'C10 H14 N5 O7 P'
DT DNA linking THYMIDINE-5'-MONOPHOSPHATE 'C10 H15 N2 O8 P'
GUN non-polymer GUANINE 'C5 H5 N5 O'
#
# COMPACT_ATOMS: atom_id res chain seq x y z
N THR B 2 26.22 -17.53 -25.91
CA THR B 2 27.20 -16.97 -24.96
C THR B 2 28.05 -15.89 -25.60
N ILE B 3 28.58 -14.99 -24.77
CA ILE B 3 29.43 -13.92 -25.28
C ILE B 3 30.60 -14.54 -26.06
N LYS B 4 31.20 -15.58 -25.47
CA LYS B 4 32.29 -16.30 -26.09
C LYS B 4 31.86 -16.79 -27.47
N ASP B 5 30.56 -16.92 -27.67
CA ASP B 5 30.02 -17.38 -28.93
C ASP B 5 29.81 -16.25 -29.92
N VAL B 6 29.41 -15.09 -29.42
CA VAL B 6 29.18 -13.96 -30.32
C VAL B 6 30.50 -13.34 -30.75
N ALA B 7 31.42 -13.22 -29.80
CA ALA B 7 32.74 -12.67 -30.10
C ALA B 7 33.37 -13.53 -31.19
N LYS B 8 33.21 -14.84 -31.05
CA LYS B 8 33.76 -15.79 -32.01
C LYS B 8 33.20 -15.52 -33.40
N ARG B 9 31.88 -15.69 -33.51
CA ARG B 9 31.19 -15.46 -34.77
C ARG B 9 31.57 -14.05 -35.25
N ALA B 10 31.88 -13.18 -34.29
CA ALA B 10 32.23 -11.81 -34.57
C ALA B 10 33.71 -11.56 -34.82
N ASN B 11 34.51 -12.62 -34.71
CA ASN B 11 35.97 -12.54 -34.86
C ASN B 11 36.51 -11.29 -34.17
N VAL B 12 36.11 -11.15 -32.90
CA VAL B 12 36.50 -10.04 -32.03
C VAL B 12 36.46 -10.50 -30.56
N SER B 13 37.27 -9.88 -29.70
CA SER B 13 37.29 -10.25 -28.28
C SER B 13 35.93 -10.02 -27.60
N THR B 14 35.63 -10.85 -26.59
CA THR B 14 34.38 -10.70 -25.85
C THR B 14 34.33 -9.32 -25.25
N THR B 15 35.48 -8.86 -24.80
CA THR B 15 35.62 -7.54 -24.22
C THR B 15 35.00 -6.55 -25.19
N THR B 16 35.07 -6.89 -26.47
CA THR B 16 34.51 -6.06 -27.49
C THR B 16 33.01 -6.24 -27.48
N VAL B 17 32.57 -7.50 -27.51
CA VAL B 17 31.14 -7.83 -27.52
C VAL B 17 30.45 -7.12 -26.38
N SER B 18 31.13 -7.00 -25.25
CA SER B 18 30.54 -6.35 -24.14
C SER B 18 30.49 -4.86 -24.35
N HIS B 19 31.61 -4.28 -24.69
CA HIS B 19 31.69 -2.84 -24.89
C HIS B 19 30.70 -2.32 -25.87
N VAL B 20 30.14 -3.19 -26.68
CA VAL B 20 29.13 -2.72 -27.61
C VAL B 20 27.76 -2.99 -27.01
N ILE B 21 27.68 -4.06 -26.23
CA ILE B 21 26.44 -4.41 -25.57
C ILE B 21 26.05 -3.35 -24.55
N ASN B 22 27.04 -2.74 -23.90
CA ASN B 22 26.76 -1.74 -22.89
C ASN B 22 27.25 -0.34 -23.22
N LYS B 23 27.66 -0.12 -24.48
CA LYS B 23 28.12 1.19 -24.94
C LYS B 23 29.02 1.78 -23.89
N THR B 24 29.90 0.95 -23.35
CA THR B 24 30.76 1.39 -22.27
C THR B 24 32.04 2.07 -22.74
N ARG B 25 32.37 1.90 -24.01
CA ARG B 25 33.52 2.56 -24.59
C ARG B 25 33.39 2.55 -26.12
N PHE B 26 34.03 3.52 -26.80
CA PHE B 26 33.93 3.64 -28.25
C PHE B 26 34.38 2.40 -29.05
N VAL B 27 33.63 2.11 -30.10
CA VAL B 27 33.90 0.96 -30.94
C VAL B 27 33.66 1.34 -32.38
N ALA B 28 34.56 0.95 -33.26
CA ALA B 28 34.40 1.25 -34.68
C ALA B 28 33.02 0.81 -35.19
N GLU B 29 32.53 1.47 -36.25
CA GLU B 29 31.22 1.14 -36.81
C GLU B 29 31.17 -0.28 -37.33
N GLU B 30 32.17 -0.67 -38.12
CA GLU B 30 32.21 -2.02 -38.65
C GLU B 30 32.04 -3.01 -37.50
N THR B 31 33.07 -3.05 -36.64
CA THR B 31 33.09 -3.89 -35.46
C THR B 31 31.74 -3.84 -34.76
N ARG B 32 31.25 -2.63 -34.53
CA ARG B 32 29.97 -2.42 -33.90
C ARG B 32 28.89 -3.21 -34.63
N ASN B 33 28.69 -2.87 -35.88
CA ASN B 33 27.69 -3.53 -36.70
C ASN B 33 27.87 -5.04 -36.66
N ALA B 34 29.09 -5.49 -36.93
CA ALA B 34 29.42 -6.91 -36.96
C ALA B 34 28.92 -7.64 -35.74
N VAL B 35 29.28 -7.12 -34.57
CA VAL B 35 28.86 -7.71 -33.30
C VAL B 35 27.37 -7.88 -33.33
N TRP B 36 26.68 -6.78 -33.61
CA TRP B 36 25.26 -6.77 -33.65
C TRP B 36 24.67 -7.90 -34.47
N ALA B 37 25.06 -7.97 -35.73
CA ALA B 37 24.56 -9.00 -36.65
C ALA B 37 24.58 -10.35 -35.95
N ALA B 38 25.78 -10.77 -35.58
CA ALA B 38 25.95 -12.01 -34.88
C ALA B 38 25.03 -12.03 -33.67
N ILE B 39 24.99 -10.91 -32.94
CA ILE B 39 24.16 -10.80 -31.76
C ILE B 39 22.74 -11.21 -32.11
N LYS B 40 22.29 -10.77 -33.27
CA LYS B 40 20.95 -11.11 -33.68
C LYS B 40 20.84 -12.52 -34.26
N GLU B 41 21.61 -12.81 -35.31
CA GLU B 41 21.53 -14.14 -35.90
C GLU B 41 21.80 -15.21 -34.86
N LEU B 42 22.85 -15.03 -34.09
CA LEU B 42 23.18 -15.98 -33.05
C LEU B 42 22.11 -16.01 -31.97
N HIS B 43 21.22 -15.02 -32.02
CA HIS B 43 20.14 -14.92 -31.05
C HIS B 43 20.69 -14.93 -29.63
N TYR B 44 21.34 -13.84 -29.25
CA TYR B 44 21.95 -13.73 -27.92
C TYR B 44 21.12 -12.95 -26.91
N SER B 45 20.97 -13.55 -25.74
CA SER B 45 20.30 -12.90 -24.65
C SER B 45 21.32 -12.89 -23.54
N PRO B 46 21.87 -11.73 -23.29
CA PRO B 46 22.88 -11.58 -22.27
C PRO B 46 22.33 -12.18 -20.99
N SER B 47 23.20 -12.71 -20.15
CA SER B 47 22.76 -13.30 -18.89
C SER B 47 22.82 -12.27 -17.76
N ALA B 48 21.65 -11.82 -17.32
CA ALA B 48 21.61 -10.85 -16.26
C ALA B 48 22.30 -11.40 -15.01
N VAL B 49 22.01 -12.65 -14.69
CA VAL B 49 22.60 -13.28 -13.49
C VAL B 49 24.13 -13.24 -13.51
N ALA B 50 24.71 -13.44 -14.69
CA ALA B 50 26.14 -13.36 -14.83
C ALA B 50 26.56 -11.92 -14.59
N ARG B 51 25.97 -11.01 -15.35
CA ARG B 51 26.29 -9.60 -15.21
C ARG B 51 26.11 -9.10 -13.78
N SER B 52 25.17 -9.66 -13.05
CA SER B 52 24.97 -9.19 -11.69
C SER B 52 25.94 -9.82 -10.73
N LEU B 53 26.34 -11.06 -10.99
CA LEU B 53 27.28 -11.71 -10.11
C LEU B 53 28.56 -10.90 -10.14
N LYS B 54 28.70 -10.10 -11.18
CA LYS B 54 29.86 -9.26 -11.37
C LYS B 54 29.69 -7.86 -10.77
N VAL B 55 28.64 -7.15 -11.21
CA VAL B 55 28.38 -5.77 -10.81
C VAL B 55 27.76 -5.52 -9.41
N ASN B 56 27.47 -6.58 -8.67
CA ASN B 56 26.91 -6.42 -7.32
C ASN B 56 25.58 -5.64 -7.19
N HIS B 57 24.57 -6.04 -7.98
CA HIS B 57 23.25 -5.43 -7.96
C HIS B 57 22.38 -6.12 -9.00
N THR B 58 21.24 -6.60 -8.53
CA THR B 58 20.32 -7.38 -9.34
C THR B 58 19.39 -6.52 -10.18
N LYS B 59 19.23 -5.28 -9.75
CA LYS B 59 18.38 -4.35 -10.45
C LYS B 59 16.94 -4.80 -10.36
N SER B 60 16.60 -5.38 -9.22
CA SER B 60 15.24 -5.86 -8.96
C SER B 60 14.91 -5.61 -7.50
N ILE B 61 13.72 -5.09 -7.23
CA ILE B 61 13.30 -4.82 -5.86
C ILE B 61 12.22 -5.77 -5.39
N GLY B 62 12.26 -6.10 -4.11
CA GLY B 62 11.32 -7.03 -3.56
C GLY B 62 10.17 -6.34 -2.87
N LEU B 63 9.03 -7.04 -2.82
CA LEU B 63 7.81 -6.55 -2.18
C LEU B 63 7.30 -7.59 -1.18
N LEU B 64 7.49 -7.32 0.09
CA LEU B 64 7.03 -8.22 1.13
C LEU B 64 5.65 -7.73 1.57
N ALA B 65 4.66 -8.01 0.75
CA ALA B 65 3.32 -7.59 1.01
C ALA B 65 2.61 -8.51 1.95
N THR B 66 1.39 -8.12 2.32
CA THR B 66 0.53 -8.88 3.20
C THR B 66 -0.40 -9.76 2.37
N SER B 67 -0.92 -9.17 1.30
CA SER B 67 -1.82 -9.87 0.40
C SER B 67 -1.93 -9.00 -0.86
N SER B 68 -2.39 -9.57 -1.96
CA SER B 68 -2.44 -8.82 -3.19
C SER B 68 -3.77 -8.76 -3.89
N GLU B 69 -4.84 -9.18 -3.23
CA GLU B 69 -6.16 -9.12 -3.89
C GLU B 69 -7.02 -7.97 -3.40
N ALA B 70 -6.93 -7.66 -2.11
CA ALA B 70 -7.69 -6.55 -1.55
C ALA B 70 -7.44 -5.30 -2.36
N ALA B 71 -8.51 -4.64 -2.78
CA ALA B 71 -8.42 -3.43 -3.60
C ALA B 71 -7.36 -2.47 -3.12
N TYR B 72 -7.39 -2.19 -1.82
CA TYR B 72 -6.44 -1.29 -1.21
C TYR B 72 -5.01 -1.68 -1.62
N PHE B 73 -4.62 -2.88 -1.27
CA PHE B 73 -3.30 -3.35 -1.62
C PHE B 73 -3.03 -3.33 -3.11
N ALA B 74 -3.83 -4.07 -3.85
CA ALA B 74 -3.66 -4.18 -5.28
C ALA B 74 -3.35 -2.85 -6.01
N GLU B 75 -3.88 -1.75 -5.47
CA GLU B 75 -3.66 -0.46 -6.10
C GLU B 75 -2.25 0.07 -5.84
N ILE B 76 -1.76 -0.12 -4.62
CA ILE B 76 -0.41 0.30 -4.27
C ILE B 76 0.54 -0.57 -5.09
N ILE B 77 0.36 -1.88 -4.94
CA ILE B 77 1.14 -2.86 -5.64
C ILE B 77 1.24 -2.53 -7.12
N GLU B 78 0.12 -2.20 -7.74
CA GLU B 78 0.11 -1.85 -9.16
C GLU B 78 0.86 -0.54 -9.39
N ALA B 79 0.80 0.34 -8.40
CA ALA B 79 1.48 1.63 -8.47
C ALA B 79 2.96 1.43 -8.52
N VAL B 80 3.47 0.67 -7.56
CA VAL B 80 4.88 0.36 -7.48
C VAL B 80 5.40 -0.15 -8.81
N GLU B 81 4.85 -1.26 -9.28
CA GLU B 81 5.28 -1.85 -10.55
C GLU B 81 5.54 -0.88 -11.70
N LYS B 82 4.71 0.16 -11.87
CA LYS B 82 4.98 1.09 -12.96
C LYS B 82 6.32 1.73 -12.64
N ASN B 83 6.36 2.32 -11.45
CA ASN B 83 7.53 2.97 -10.95
C ASN B 83 8.77 2.11 -11.17
N CYS B 84 8.68 0.86 -10.76
CA CYS B 84 9.79 -0.06 -10.95
C CYS B 84 10.16 -0.09 -12.42
N PHE B 85 9.16 -0.35 -13.25
CA PHE B 85 9.36 -0.49 -14.69
C PHE B 85 9.92 0.74 -15.41
N GLN B 86 9.37 1.91 -15.13
CA GLN B 86 9.83 3.12 -15.80
C GLN B 86 11.20 3.55 -15.31
N LYS B 87 11.67 2.93 -14.23
CA LYS B 87 12.97 3.24 -13.66
C LYS B 87 13.97 2.12 -13.88
N GLY B 88 13.53 1.07 -14.58
CA GLY B 88 14.41 -0.05 -14.93
C GLY B 88 14.45 -1.27 -14.00
N TYR B 89 13.70 -1.24 -12.91
CA TYR B 89 13.72 -2.38 -11.98
C TYR B 89 12.79 -3.58 -12.25
N THR B 90 13.02 -4.64 -11.51
CA THR B 90 12.25 -5.86 -11.63
C THR B 90 11.49 -6.08 -10.32
N LEU B 91 10.18 -6.27 -10.40
CA LEU B 91 9.39 -6.44 -9.21
C LEU B 91 9.27 -7.87 -8.78
N ILE B 92 9.56 -8.11 -7.51
CA ILE B 92 9.41 -9.43 -6.94
C ILE B 92 8.30 -9.27 -5.92
N LEU B 93 7.21 -10.00 -6.13
CA LEU B 93 6.07 -9.92 -5.25
C LEU B 93 6.01 -11.15 -4.33
N GLY B 94 5.71 -10.93 -3.06
CA GLY B 94 5.60 -12.03 -2.11
C GLY B 94 4.69 -11.63 -0.97
N ASN B 95 3.57 -12.34 -0.82
CA ASN B 95 2.61 -12.02 0.23
C ASN B 95 2.83 -12.92 1.43
N ALA B 96 3.04 -12.31 2.60
CA ALA B 96 3.30 -13.07 3.84
C ALA B 96 2.06 -13.46 4.65
N TRP B 97 0.92 -12.87 4.31
CA TRP B 97 -0.31 -13.20 5.00
C TRP B 97 -0.16 -13.09 6.49
N ASN B 98 0.50 -12.02 6.92
CA ASN B 98 0.71 -11.79 8.33
C ASN B 98 1.32 -13.00 9.00
N ASN B 99 1.88 -13.91 8.22
CA ASN B 99 2.49 -15.09 8.81
C ASN B 99 3.96 -14.88 9.03
N LEU B 100 4.36 -14.92 10.30
CA LEU B 100 5.75 -14.74 10.69
C LEU B 100 6.62 -15.69 9.87
N GLU B 101 6.36 -16.99 10.01
CA GLU B 101 7.09 -18.03 9.28
C GLU B 101 7.14 -17.62 7.83
N LYS B 102 5.97 -17.36 7.30
CA LYS B 102 5.83 -16.97 5.92
C LYS B 102 6.73 -15.80 5.56
N GLN B 103 6.75 -14.75 6.38
CA GLN B 103 7.56 -13.60 6.08
C GLN B 103 9.01 -13.92 6.20
N ARG B 104 9.38 -14.56 7.30
CA ARG B 104 10.77 -14.94 7.51
C ARG B 104 11.31 -15.67 6.29
N ALA B 105 10.45 -16.38 5.59
CA ALA B 105 10.85 -17.11 4.39
C ALA B 105 11.00 -16.19 3.19
N TYR B 106 9.95 -15.44 2.88
CA TYR B 106 10.02 -14.56 1.73
C TYR B 106 11.17 -13.60 1.91
N LEU B 107 11.40 -13.22 3.16
CA LEU B 107 12.50 -12.33 3.48
C LEU B 107 13.78 -13.10 3.17
N SER B 108 13.78 -14.38 3.52
CA SER B 108 14.92 -15.25 3.29
C SER B 108 15.27 -15.34 1.81
N MET B 109 14.34 -15.83 1.01
CA MET B 109 14.61 -15.94 -0.39
C MET B 109 14.94 -14.57 -0.94
N MET B 110 14.40 -13.53 -0.31
CA MET B 110 14.63 -12.17 -0.73
C MET B 110 16.12 -11.87 -0.87
N ALA B 111 16.82 -11.93 0.26
CA ALA B 111 18.25 -11.66 0.30
C ALA B 111 19.01 -12.62 -0.59
N GLN B 112 18.59 -13.88 -0.60
CA GLN B 112 19.22 -14.89 -1.44
C GLN B 112 19.26 -14.38 -2.86
N LYS B 113 18.09 -14.22 -3.47
CA LYS B 113 18.01 -13.69 -4.82
C LYS B 113 18.66 -12.29 -4.89
N ARG B 114 19.00 -11.74 -3.72
CA ARG B 114 19.73 -10.49 -3.62
C ARG B 114 19.04 -9.24 -4.09
N VAL B 115 17.81 -9.00 -3.62
CA VAL B 115 17.08 -7.79 -4.00
C VAL B 115 17.87 -6.52 -3.69
N ASP B 116 17.95 -5.64 -4.68
CA ASP B 116 18.67 -4.39 -4.53
C ASP B 116 18.08 -3.56 -3.44
N GLY B 117 16.77 -3.72 -3.25
CA GLY B 117 16.05 -2.97 -2.23
C GLY B 117 14.85 -3.76 -1.74
N LEU B 118 14.23 -3.25 -0.67
CA LEU B 118 13.06 -3.92 -0.09
C LEU B 118 11.92 -3.02 0.33
N LEU B 119 10.74 -3.30 -0.22
CA LEU B 119 9.53 -2.56 0.11
C LEU B 119 8.73 -3.43 1.04
N VAL B 120 8.24 -2.84 2.13
CA VAL B 120 7.47 -3.60 3.12
C VAL B 120 6.07 -3.08 3.43
N MET B 121 5.16 -4.02 3.65
CA MET B 121 3.77 -3.75 3.98
C MET B 121 3.28 -5.00 4.64
N CYS B 122 3.66 -5.20 5.88
CA CYS B 122 3.27 -6.41 6.60
C CYS B 122 2.06 -6.23 7.51
N SER B 123 1.55 -5.01 7.61
CA SER B 123 0.37 -4.72 8.43
C SER B 123 0.67 -4.79 9.90
N GLU B 124 0.70 -6.00 10.45
CA GLU B 124 1.01 -6.19 11.86
C GLU B 124 2.55 -6.31 12.03
N TYR B 125 3.12 -5.55 12.97
CA TYR B 125 4.55 -5.57 13.22
C TYR B 125 4.86 -5.89 14.68
N PRO B 126 4.88 -7.16 15.02
CA PRO B 126 5.18 -7.57 16.38
C PRO B 126 6.69 -7.52 16.61
N GLU B 127 7.09 -7.61 17.88
CA GLU B 127 8.52 -7.58 18.19
C GLU B 127 9.28 -8.61 17.35
N PRO B 128 8.71 -9.81 17.25
CA PRO B 128 9.32 -10.85 16.47
C PRO B 128 9.59 -10.32 15.07
N LEU B 129 8.58 -9.73 14.45
CA LEU B 129 8.78 -9.19 13.12
C LEU B 129 9.90 -8.19 13.13
N LEU B 130 9.73 -7.12 13.91
CA LEU B 130 10.73 -6.05 14.05
C LEU B 130 12.13 -6.64 14.13
N ALA B 131 12.24 -7.75 14.87
CA ALA B 131 13.50 -8.44 15.02
C ALA B 131 14.04 -8.83 13.65
N MET B 132 13.44 -9.87 13.07
CA MET B 132 13.82 -10.38 11.77
C MET B 132 14.13 -9.28 10.77
N LEU B 133 13.26 -8.28 10.71
CA LEU B 133 13.45 -7.20 9.76
C LEU B 133 14.84 -6.58 9.88
N GLU B 134 15.23 -6.29 11.12
CA GLU B 134 16.51 -5.67 11.41
C GLU B 134 17.71 -6.47 10.90
N GLU B 135 17.63 -7.79 10.97
CA GLU B 135 18.74 -8.62 10.53
C GLU B 135 18.96 -8.54 9.04
N TYR B 136 18.34 -7.56 8.41
CA TYR B 136 18.52 -7.38 6.98
C TYR B 136 18.70 -5.91 6.74
N ARG B 137 18.94 -5.20 7.84
CA ARG B 137 19.17 -3.78 7.77
C ARG B 137 20.31 -3.49 6.76
N HIS B 138 21.04 -4.54 6.35
CA HIS B 138 22.09 -4.38 5.37
C HIS B 138 21.43 -4.07 4.05
N ILE B 139 20.43 -4.87 3.70
CA ILE B 139 19.71 -4.64 2.47
C ILE B 139 18.77 -3.47 2.66
N PRO B 140 18.93 -2.46 1.80
CA PRO B 140 18.13 -1.24 1.83
C PRO B 140 16.62 -1.50 1.75
N MET B 141 15.85 -0.86 2.63
CA MET B 141 14.41 -1.07 2.61
C MET B 141 13.59 0.10 3.14
N VAL B 142 12.27 -0.08 3.16
CA VAL B 142 11.37 0.95 3.65
C VAL B 142 9.95 0.42 3.82
N VAL B 143 9.44 0.46 5.05
CA VAL B 143 8.08 0.01 5.33
C VAL B 143 7.18 1.16 4.89
N MET B 144 6.05 0.84 4.25
CA MET B 144 5.21 1.89 3.71
C MET B 144 3.86 1.98 4.37
N ASP B 145 3.63 1.15 5.37
CA ASP B 145 2.34 1.14 6.06
C ASP B 145 2.46 1.32 7.57
N TRP B 146 3.28 2.26 8.01
CA TRP B 146 3.46 2.48 9.43
C TRP B 146 2.82 3.78 9.90
N GLY B 147 2.25 3.76 11.09
CA GLY B 147 1.64 4.97 11.63
C GLY B 147 2.73 6.02 11.77
N GLU B 148 3.78 5.68 12.51
CA GLU B 148 4.93 6.55 12.77
C GLU B 148 6.19 5.69 12.61
N ALA B 149 7.36 6.32 12.56
CA ALA B 149 8.63 5.58 12.40
C ALA B 149 8.92 4.57 13.50
N LYS B 150 8.45 3.34 13.32
CA LYS B 150 8.66 2.29 14.30
C LYS B 150 10.12 1.90 14.46
N ALA B 151 10.91 2.02 13.41
CA ALA B 151 12.32 1.67 13.51
C ALA B 151 13.24 2.73 12.98
N ASP B 152 14.48 2.68 13.46
CA ASP B 152 15.53 3.61 13.04
C ASP B 152 16.33 3.00 11.88
N PHE B 153 16.12 1.72 11.60
CA PHE B 153 16.86 1.10 10.52
C PHE B 153 16.16 1.10 9.15
N THR B 154 15.00 1.76 9.05
CA THR B 154 14.25 1.79 7.78
C THR B 154 13.81 3.17 7.37
N ASP B 155 13.20 3.25 6.20
CA ASP B 155 12.61 4.48 5.74
C ASP B 155 11.12 4.31 5.84
N ALA B 156 10.40 5.41 5.95
CA ALA B 156 8.98 5.30 6.12
C ALA B 156 8.19 6.38 5.43
N VAL B 157 6.99 6.02 5.05
CA VAL B 157 6.09 6.96 4.45
C VAL B 157 4.88 6.90 5.36
N ILE B 158 4.60 7.99 6.05
CA ILE B 158 3.48 8.04 6.98
C ILE B 158 2.26 8.69 6.35
N ASP B 159 1.11 8.05 6.51
CA ASP B 159 -0.13 8.50 5.90
C ASP B 159 -0.97 9.55 6.65
N ASN B 160 -0.64 9.83 7.90
CA ASN B 160 -1.42 10.80 8.64
C ASN B 160 -2.85 10.26 8.72
N ALA B 161 -2.96 8.95 8.90
CA ALA B 161 -4.24 8.29 8.99
C ALA B 161 -5.02 8.73 10.23
N PHE B 162 -4.32 9.30 11.20
CA PHE B 162 -5.01 9.80 12.39
C PHE B 162 -5.77 11.04 11.95
N GLU B 163 -5.11 11.87 11.15
CA GLU B 163 -5.72 13.08 10.63
C GLU B 163 -6.96 12.71 9.79
N GLY B 164 -6.91 11.58 9.11
CA GLY B 164 -8.01 11.12 8.27
C GLY B 164 -9.20 10.72 9.12
N GLY B 165 -8.95 9.89 10.14
CA GLY B 165 -9.99 9.44 11.04
C GLY B 165 -10.67 10.65 11.62
N TYR B 166 -9.89 11.72 11.81
CA TYR B 166 -10.42 12.97 12.35
C TYR B 166 -11.34 13.63 11.34
N MET B 167 -10.83 13.87 10.14
CA MET B 167 -11.61 14.46 9.07
C MET B 167 -13.00 13.81 8.94
N ALA B 168 -13.05 12.48 9.02
CA ALA B 168 -14.32 11.75 8.88
C ALA B 168 -15.35 12.10 9.93
N GLY B 169 -14.93 12.10 11.19
CA GLY B 169 -15.84 12.40 12.26
C GLY B 169 -16.36 13.82 12.12
N ARG B 170 -15.46 14.75 11.84
CA ARG B 170 -15.86 16.13 11.69
C ARG B 170 -17.00 16.28 10.71
N TYR B 171 -16.89 15.59 9.58
CA TYR B 171 -17.89 15.63 8.56
C TYR B 171 -19.20 15.26 9.15
N LEU B 172 -19.25 14.09 9.75
CA LEU B 172 -20.47 13.61 10.34
C LEU B 172 -21.08 14.65 11.24
N ILE B 173 -20.27 15.20 12.13
CA ILE B 173 -20.71 16.24 13.06
C ILE B 173 -21.42 17.36 12.32
N GLU B 174 -20.65 18.09 11.51
CA GLU B 174 -21.17 19.23 10.74
C GLU B 174 -22.39 18.88 9.89
N ARG B 175 -22.55 17.61 9.60
CA ARG B 175 -23.67 17.15 8.80
C ARG B 175 -24.95 17.19 9.61
N GLY B 176 -24.82 17.06 10.92
CA GLY B 176 -25.97 17.11 11.81
C GLY B 176 -26.01 15.95 12.76
N HIS B 177 -25.11 14.98 12.57
CA HIS B 177 -25.08 13.77 13.38
C HIS B 177 -24.43 13.88 14.74
N ARG B 178 -25.00 13.16 15.70
CA ARG B 178 -24.49 13.12 17.06
C ARG B 178 -24.58 11.70 17.53
N GLU B 179 -25.15 10.84 16.71
CA GLU B 179 -25.30 9.44 17.05
C GLU B 179 -24.64 8.56 16.02
N ILE B 180 -23.31 8.56 16.03
CA ILE B 180 -22.50 7.83 15.08
C ILE B 180 -22.05 6.48 15.60
N GLY B 181 -21.75 5.59 14.68
CA GLY B 181 -21.26 4.27 15.02
C GLY B 181 -19.90 4.12 14.34
N VAL B 182 -19.27 2.96 14.48
CA VAL B 182 -17.97 2.76 13.86
C VAL B 182 -17.52 1.32 13.76
N ILE B 183 -17.21 0.92 12.54
CA ILE B 183 -16.71 -0.42 12.28
C ILE B 183 -15.27 -0.26 11.84
N PRO B 184 -14.35 -0.28 12.80
CA PRO B 184 -12.95 -0.06 12.53
C PRO B 184 -12.19 -1.29 12.03
N GLY B 185 -11.02 -1.05 11.43
CA GLY B 185 -10.18 -2.11 10.95
C GLY B 185 -9.35 -2.55 12.14
N PRO B 186 -8.84 -3.77 12.07
CA PRO B 186 -8.01 -4.36 13.15
C PRO B 186 -7.08 -3.36 13.86
N LEU B 187 -7.11 -3.38 15.18
CA LEU B 187 -6.31 -2.46 15.99
C LEU B 187 -4.80 -2.66 15.96
N GLU B 188 -4.36 -3.86 15.60
CA GLU B 188 -2.91 -4.11 15.51
C GLU B 188 -2.36 -3.27 14.39
N GLN B 189 -3.24 -2.91 13.46
CA GLN B 189 -2.87 -2.13 12.27
C GLN B 189 -2.83 -0.62 12.50
N ASN B 190 -2.25 0.08 11.52
CA ASN B 190 -2.14 1.53 11.54
C ASN B 190 -3.45 2.08 10.99
N THR B 191 -3.80 1.62 9.81
CA THR B 191 -5.03 2.01 9.15
C THR B 191 -6.19 1.48 9.98
N GLY B 192 -5.86 0.67 10.99
CA GLY B 192 -6.84 0.13 11.87
C GLY B 192 -6.99 1.14 12.99
N ALA B 193 -6.15 0.99 14.02
CA ALA B 193 -6.16 1.86 15.18
C ALA B 193 -6.03 3.33 14.88
N GLY B 194 -5.09 3.68 14.02
CA GLY B 194 -4.82 5.06 13.67
C GLY B 194 -6.04 5.83 13.22
N ARG B 195 -6.80 5.26 12.31
CA ARG B 195 -7.99 5.93 11.80
C ARG B 195 -9.04 6.09 12.94
N LEU B 196 -9.30 5.00 13.64
CA LEU B 196 -10.22 5.01 14.75
C LEU B 196 -9.88 6.09 15.76
N ALA B 197 -8.59 6.14 16.11
CA ALA B 197 -8.11 7.10 17.09
C ALA B 197 -8.25 8.52 16.62
N GLY B 198 -8.22 8.73 15.32
CA GLY B 198 -8.37 10.08 14.80
C GLY B 198 -9.84 10.44 14.92
N PHE B 199 -10.70 9.50 14.50
CA PHE B 199 -12.14 9.65 14.52
C PHE B 199 -12.64 9.88 15.90
N MET B 200 -11.95 9.32 16.87
CA MET B 200 -12.42 9.46 18.24
C MET B 200 -12.02 10.73 18.96
N LYS B 201 -11.09 11.49 18.39
CA LYS B 201 -10.68 12.72 19.04
C LYS B 201 -11.78 13.73 18.82
N ALA B 202 -12.23 13.81 17.58
CA ALA B 202 -13.28 14.74 17.22
C ALA B 202 -14.51 14.50 18.10
N MET B 203 -14.86 13.23 18.27
CA MET B 203 -15.99 12.84 19.09
C MET B 203 -15.93 13.52 20.41
N GLU B 204 -14.85 13.27 21.16
CA GLU B 204 -14.67 13.90 22.46
C GLU B 204 -14.64 15.39 22.27
N GLU B 205 -13.92 15.80 21.24
CA GLU B 205 -13.82 17.20 20.91
C GLU B 205 -15.22 17.79 20.75
N ALA B 206 -16.22 16.91 20.63
CA ALA B 206 -17.59 17.33 20.45
C ALA B 206 -18.48 16.71 21.48
N MET B 207 -17.90 16.24 22.57
CA MET B 207 -18.67 15.66 23.66
C MET B 207 -19.63 14.58 23.18
N ILE B 208 -19.21 13.84 22.16
CA ILE B 208 -20.02 12.76 21.65
C ILE B 208 -19.45 11.51 22.24
N LYS B 209 -20.29 10.70 22.86
CA LYS B 209 -19.86 9.46 23.45
C LYS B 209 -20.27 8.43 22.47
N VAL B 210 -19.85 7.21 22.65
CA VAL B 210 -20.29 6.15 21.76
C VAL B 210 -20.39 4.82 22.45
N PRO B 211 -21.62 4.34 22.57
CA PRO B 211 -21.92 3.06 23.21
C PRO B 211 -21.17 1.95 22.53
N GLU B 212 -20.56 1.08 23.33
CA GLU B 212 -19.79 -0.04 22.79
C GLU B 212 -20.65 -0.84 21.81
N SER B 213 -21.95 -0.88 22.06
CA SER B 213 -22.81 -1.63 21.18
C SER B 213 -22.87 -0.98 19.82
N TRP B 214 -22.16 0.13 19.68
CA TRP B 214 -22.13 0.85 18.40
C TRP B 214 -20.72 0.94 17.79
N ILE B 215 -19.89 -0.04 18.10
CA ILE B 215 -18.53 -0.07 17.59
C ILE B 215 -18.11 -1.53 17.45
N VAL B 216 -17.98 -1.95 16.21
CA VAL B 216 -17.64 -3.34 15.94
C VAL B 216 -16.42 -3.54 15.07
N GLN B 217 -15.52 -4.38 15.56
CA GLN B 217 -14.31 -4.68 14.88
C GLN B 217 -14.57 -5.26 13.51
N GLY B 218 -13.76 -4.83 12.54
CA GLY B 218 -13.85 -5.30 11.17
C GLY B 218 -12.45 -5.70 10.75
N ASP B 219 -12.34 -6.42 9.64
CA ASP B 219 -11.03 -6.84 9.18
C ASP B 219 -10.74 -6.43 7.74
N PHE B 220 -11.44 -5.39 7.28
CA PHE B 220 -11.28 -4.91 5.91
C PHE B 220 -11.96 -5.82 4.88
N GLU B 221 -12.51 -6.93 5.35
CA GLU B 221 -13.21 -7.86 4.48
C GLU B 221 -14.71 -7.49 4.42
N PRO B 222 -15.22 -7.37 3.21
CA PRO B 222 -16.62 -7.02 2.99
C PRO B 222 -17.58 -7.81 3.87
N GLU B 223 -17.26 -9.08 4.09
CA GLU B 223 -18.08 -9.93 4.94
C GLU B 223 -18.17 -9.34 6.33
N SER B 224 -17.04 -8.83 6.81
CA SER B 224 -16.97 -8.22 8.13
C SER B 224 -17.82 -6.96 8.24
N GLY B 225 -17.82 -6.17 7.17
CA GLY B 225 -18.58 -4.94 7.14
C GLY B 225 -20.04 -5.34 7.22
N TYR B 226 -20.38 -6.39 6.50
CA TYR B 226 -21.73 -6.93 6.49
C TYR B 226 -22.17 -7.21 7.94
N ARG B 227 -21.46 -8.13 8.60
CA ARG B 227 -21.76 -8.54 9.96
C ARG B 227 -21.89 -7.41 10.97
N ALA B 228 -21.02 -6.40 10.85
CA ALA B 228 -21.02 -5.29 11.79
C ALA B 228 -22.26 -4.46 11.61
N MET B 229 -22.42 -3.94 10.40
CA MET B 229 -23.55 -3.11 10.04
C MET B 229 -24.79 -3.81 10.52
N GLN B 230 -24.82 -5.12 10.31
CA GLN B 230 -25.92 -5.97 10.73
C GLN B 230 -26.07 -5.85 12.21
N GLN B 231 -24.99 -6.14 12.92
CA GLN B 231 -25.01 -6.09 14.37
C GLN B 231 -25.50 -4.76 14.87
N ILE B 232 -25.01 -3.68 14.26
CA ILE B 232 -25.37 -2.32 14.66
C ILE B 232 -26.86 -1.97 14.67
N LEU B 233 -27.50 -2.11 13.51
CA LEU B 233 -28.90 -1.77 13.34
C LEU B 233 -29.84 -2.80 13.97
N SER B 234 -29.28 -3.91 14.41
CA SER B 234 -30.07 -4.96 15.01
C SER B 234 -30.42 -4.73 16.50
N GLN B 235 -30.04 -3.58 17.03
CA GLN B 235 -30.30 -3.27 18.44
C GLN B 235 -31.25 -2.09 18.60
N PRO B 236 -32.23 -2.24 19.52
CA PRO B 236 -33.28 -1.24 19.82
C PRO B 236 -33.01 0.17 19.39
N HIS B 237 -32.01 0.76 20.03
CA HIS B 237 -31.57 2.10 19.73
C HIS B 237 -30.42 2.02 18.72
N ARG B 238 -30.59 2.63 17.55
CA ARG B 238 -29.51 2.62 16.56
C ARG B 238 -29.04 4.00 16.13
N PRO B 239 -27.76 4.11 15.83
CA PRO B 239 -27.17 5.37 15.43
C PRO B 239 -27.69 5.84 14.09
N THR B 240 -27.42 7.09 13.78
CA THR B 240 -27.87 7.67 12.53
C THR B 240 -26.79 7.79 11.46
N ALA B 241 -25.59 7.38 11.79
CA ALA B 241 -24.49 7.46 10.86
C ALA B 241 -23.32 6.66 11.38
N VAL B 242 -22.74 5.85 10.51
CA VAL B 242 -21.64 5.02 10.92
C VAL B 242 -20.41 5.34 10.12
N PHE B 243 -19.26 5.30 10.80
CA PHE B 243 -17.99 5.54 10.16
C PHE B 243 -17.33 4.21 9.91
N CYS B 244 -17.23 3.85 8.64
CA CYS B 244 -16.66 2.57 8.24
C CYS B 244 -15.14 2.56 8.01
N GLY B 245 -14.44 1.77 8.81
CA GLY B 245 -12.99 1.67 8.73
C GLY B 245 -12.38 1.62 7.32
N GLY B 246 -13.04 0.91 6.41
CA GLY B 246 -12.52 0.79 5.04
C GLY B 246 -13.62 0.81 3.98
N ASP B 247 -13.24 1.07 2.74
CA ASP B 247 -14.19 1.12 1.65
C ASP B 247 -14.82 -0.21 1.31
N ILE B 248 -14.01 -1.24 1.20
CA ILE B 248 -14.52 -2.57 0.86
C ILE B 248 -15.33 -3.16 2.00
N MET B 249 -15.18 -2.60 3.19
CA MET B 249 -15.95 -3.03 4.34
C MET B 249 -17.29 -2.25 4.23
N ALA B 250 -17.19 -0.97 3.92
CA ALA B 250 -18.36 -0.13 3.78
C ALA B 250 -19.18 -0.77 2.72
N MET B 251 -18.51 -1.17 1.65
CA MET B 251 -19.17 -1.81 0.54
C MET B 251 -19.97 -3.00 1.06
N GLY B 252 -19.43 -3.66 2.06
CA GLY B 252 -20.09 -4.82 2.65
C GLY B 252 -21.19 -4.41 3.62
N ALA B 253 -21.02 -3.26 4.25
CA ALA B 253 -22.02 -2.75 5.19
C ALA B 253 -23.18 -2.21 4.36
N LEU B 254 -22.88 -1.65 3.20
CA LEU B 254 -23.90 -1.16 2.31
C LEU B 254 -24.91 -2.30 2.03
N CYS B 255 -24.38 -3.48 1.70
CA CYS B 255 -25.20 -4.65 1.38
C CYS B 255 -26.18 -4.98 2.48
N ALA B 256 -25.66 -5.22 3.67
CA ALA B 256 -26.50 -5.58 4.80
C ALA B 256 -27.69 -4.62 4.98
N ALA B 257 -27.43 -3.31 5.01
CA ALA B 257 -28.50 -2.32 5.19
C ALA B 257 -29.57 -2.50 4.15
N ASP B 258 -29.16 -2.90 2.94
CA ASP B 258 -30.12 -3.11 1.88
C ASP B 258 -31.03 -4.24 2.29
N GLU B 259 -30.44 -5.42 2.48
CA GLU B 259 -31.19 -6.59 2.89
C GLU B 259 -31.92 -6.27 4.19
N MET B 260 -31.44 -5.24 4.89
CA MET B 260 -32.03 -4.81 6.14
C MET B 260 -33.37 -4.19 5.88
N GLY B 261 -33.48 -3.53 4.73
CA GLY B 261 -34.69 -2.84 4.35
C GLY B 261 -34.48 -1.36 4.63
N LEU B 262 -33.34 -1.03 5.23
CA LEU B 262 -32.99 0.36 5.54
C LEU B 262 -32.47 1.05 4.31
N ARG B 263 -32.72 2.35 4.21
CA ARG B 263 -32.29 3.13 3.07
C ARG B 263 -31.02 3.84 3.40
N VAL B 264 -30.23 4.13 2.38
CA VAL B 264 -28.97 4.83 2.57
C VAL B 264 -28.80 5.77 1.39
N PRO B 265 -28.57 7.04 1.68
CA PRO B 265 -28.39 7.51 3.03
C PRO B 265 -29.67 7.98 3.74
N GLN B 266 -30.82 7.64 3.19
CA GLN B 266 -32.07 8.08 3.82
C GLN B 266 -32.24 7.53 5.24
N ASP B 267 -31.80 6.30 5.46
CA ASP B 267 -31.91 5.69 6.78
C ASP B 267 -30.61 5.71 7.55
N VAL B 268 -29.51 5.33 6.89
CA VAL B 268 -28.22 5.39 7.56
C VAL B 268 -27.30 6.24 6.73
N SER B 269 -26.21 6.68 7.34
CA SER B 269 -25.22 7.45 6.64
C SER B 269 -23.91 6.73 6.78
N LEU B 270 -23.30 6.42 5.65
CA LEU B 270 -22.04 5.71 5.65
C LEU B 270 -20.91 6.60 5.19
N ILE B 271 -19.83 6.60 5.94
CA ILE B 271 -18.66 7.37 5.57
C ILE B 271 -17.52 6.37 5.64
N GLY B 272 -16.92 6.08 4.49
CA GLY B 272 -15.83 5.10 4.44
C GLY B 272 -14.44 5.69 4.60
N TYR B 273 -13.46 5.06 3.97
CA TYR B 273 -12.09 5.52 4.06
C TYR B 273 -11.22 4.61 3.25
N ASP B 274 -10.67 5.17 2.17
CA ASP B 274 -9.75 4.50 1.26
C ASP B 274 -9.81 5.13 -0.12
N ASN B 275 -11.04 5.38 -0.59
CA ASN B 275 -11.28 5.92 -1.91
C ASN B 275 -10.73 4.97 -2.94
N VAL B 276 -11.29 3.77 -2.97
CA VAL B 276 -10.84 2.75 -3.88
C VAL B 276 -11.21 3.11 -5.30
N ARG B 277 -10.41 2.61 -6.24
CA ARG B 277 -10.62 2.90 -7.65
C ARG B 277 -12.07 2.91 -8.11
N ASN B 278 -12.87 1.99 -7.59
CA ASN B 278 -14.28 1.95 -7.96
C ASN B 278 -15.28 2.03 -6.81
N ALA B 279 -15.05 3.00 -5.92
CA ALA B 279 -15.94 3.27 -4.81
C ALA B 279 -17.02 4.24 -5.27
N ARG B 280 -16.69 5.03 -6.30
CA ARG B 280 -17.63 5.99 -6.84
C ARG B 280 -18.82 5.28 -7.40
N TYR B 281 -18.58 4.07 -7.88
CA TYR B 281 -19.61 3.27 -8.46
C TYR B 281 -20.28 2.32 -7.49
N PHE B 282 -20.06 2.52 -6.20
CA PHE B 282 -20.74 1.71 -5.22
C PHE B 282 -22.19 2.14 -5.36
N THR B 283 -23.11 1.44 -4.73
CA THR B 283 -24.51 1.84 -4.80
C THR B 283 -25.04 1.98 -3.40
N PRO B 284 -25.21 3.21 -2.94
CA PRO B 284 -24.97 4.42 -3.74
C PRO B 284 -23.51 4.79 -3.87
N ALA B 285 -23.26 5.95 -4.47
CA ALA B 285 -21.91 6.45 -4.66
C ALA B 285 -21.28 6.78 -3.31
N LEU B 286 -20.15 6.17 -3.02
CA LEU B 286 -19.52 6.33 -1.72
C LEU B 286 -18.82 7.62 -1.35
N THR B 287 -19.28 8.24 -0.28
CA THR B 287 -18.65 9.44 0.26
C THR B 287 -17.52 8.85 1.07
N THR B 288 -16.32 9.36 0.91
CA THR B 288 -15.21 8.75 1.64
C THR B 288 -13.95 9.56 1.76
N ILE B 289 -13.06 9.09 2.62
CA ILE B 289 -11.76 9.69 2.80
C ILE B 289 -10.80 9.03 1.79
N HIS B 290 -10.02 9.83 1.07
CA HIS B 290 -9.12 9.29 0.08
C HIS B 290 -7.65 9.34 0.44
N GLN B 291 -7.01 8.17 0.36
CA GLN B 291 -5.57 8.06 0.62
C GLN B 291 -4.83 8.10 -0.71
N PRO B 292 -3.75 8.88 -0.75
CA PRO B 292 -2.98 8.98 -1.98
C PRO B 292 -2.24 7.67 -2.18
N LYS B 293 -2.92 6.68 -2.74
CA LYS B 293 -2.30 5.37 -2.94
C LYS B 293 -1.10 5.45 -3.90
N ASP B 294 -1.31 6.12 -5.02
CA ASP B 294 -0.27 6.30 -6.01
C ASP B 294 0.99 6.86 -5.36
N SER B 295 0.90 8.08 -4.85
CA SER B 295 2.06 8.70 -4.22
C SER B 295 2.61 7.84 -3.09
N LEU B 296 1.74 7.23 -2.30
CA LEU B 296 2.21 6.38 -1.21
C LEU B 296 3.10 5.33 -1.84
N GLY B 297 2.77 4.94 -3.06
CA GLY B 297 3.55 3.96 -3.78
C GLY B 297 4.81 4.63 -4.32
N GLU B 298 4.62 5.51 -5.29
CA GLU B 298 5.71 6.21 -5.93
C GLU B 298 6.74 6.79 -4.95
N THR B 299 6.25 7.45 -3.93
CA THR B 299 7.15 8.01 -2.93
C THR B 299 8.03 6.90 -2.33
N ALA B 300 7.44 5.76 -2.01
CA ALA B 300 8.18 4.64 -1.46
C ALA B 300 9.31 4.22 -2.37
N PHE B 301 8.96 3.85 -3.60
CA PHE B 301 9.94 3.42 -4.59
C PHE B 301 11.08 4.40 -4.66
N ASN B 302 10.74 5.67 -4.67
CA ASN B 302 11.76 6.69 -4.75
C ASN B 302 12.75 6.68 -3.61
N MET B 303 12.24 6.75 -2.39
CA MET B 303 13.10 6.73 -1.22
C MET B 303 14.08 5.58 -1.34
N LEU B 304 13.56 4.42 -1.76
CA LEU B 304 14.40 3.24 -1.92
C LEU B 304 15.54 3.51 -2.89
N LEU B 305 15.20 3.97 -4.09
CA LEU B 305 16.20 4.26 -5.10
C LEU B 305 17.26 5.12 -4.50
N ASP B 306 16.84 6.26 -3.97
CA ASP B 306 17.74 7.20 -3.35
C ASP B 306 18.67 6.53 -2.36
N ARG B 307 18.08 5.80 -1.41
CA ARG B 307 18.89 5.08 -0.42
C ARG B 307 19.87 4.19 -1.17
N ILE B 308 19.37 3.57 -2.23
CA ILE B 308 20.15 2.69 -3.06
C ILE B 308 21.27 3.43 -3.75
N VAL B 309 20.93 4.08 -4.86
CA VAL B 309 21.89 4.80 -5.68
C VAL B 309 22.66 5.89 -5.00
N ASN B 310 22.07 6.52 -4.00
CA ASN B 310 22.81 7.57 -3.33
C ASN B 310 23.42 7.08 -2.06
N LYS B 311 23.53 5.75 -1.98
CA LYS B 311 24.10 5.07 -0.83
C LYS B 311 23.71 5.71 0.50
N ARG B 312 22.51 6.28 0.55
CA ARG B 312 22.03 6.93 1.75
C ARG B 312 22.18 5.99 2.97
N GLU B 313 22.38 6.57 4.14
CA GLU B 313 22.62 5.78 5.33
C GLU B 313 21.66 6.10 6.47
N GLU B 314 21.25 7.35 6.56
CA GLU B 314 20.31 7.77 7.61
C GLU B 314 18.88 7.36 7.23
N PRO B 315 18.06 7.07 8.24
CA PRO B 315 16.68 6.70 8.01
C PRO B 315 15.91 7.95 7.57
N GLN B 316 14.67 7.75 7.14
CA GLN B 316 13.83 8.85 6.71
C GLN B 316 12.37 8.49 6.88
N SER B 317 11.49 9.47 6.63
CA SER B 317 10.05 9.26 6.78
C SER B 317 9.31 10.44 6.20
N ILE B 318 8.60 10.19 5.10
CA ILE B 318 7.84 11.24 4.44
C ILE B 318 6.39 11.01 4.72
N GLU B 319 5.66 12.09 5.00
CA GLU B 319 4.21 12.00 5.24
C GLU B 319 3.47 12.18 3.92
N VAL B 320 2.23 11.73 3.92
CA VAL B 320 1.35 11.84 2.78
C VAL B 320 0.03 12.29 3.40
N HIS B 321 -0.86 12.85 2.61
CA HIS B 321 -2.11 13.35 3.16
C HIS B 321 -3.38 12.91 2.48
N PRO B 322 -4.41 12.69 3.29
CA PRO B 322 -5.71 12.25 2.79
C PRO B 322 -6.68 13.43 2.72
N ARG B 323 -7.78 13.25 1.99
CA ARG B 323 -8.77 14.30 1.83
C ARG B 323 -10.17 13.74 1.60
N LEU B 324 -11.16 14.42 2.16
CA LEU B 324 -12.53 14.00 2.04
C LEU B 324 -12.94 14.04 0.57
N ILE B 325 -13.83 13.13 0.23
CA ILE B 325 -14.41 13.01 -1.10
C ILE B 325 -15.90 12.89 -0.85
N GLU B 326 -16.66 13.90 -1.23
CA GLU B 326 -18.09 13.87 -1.02
C GLU B 326 -18.79 13.13 -2.15
N ARG B 327 -19.58 12.12 -1.80
CA ARG B 327 -20.33 11.37 -2.79
C ARG B 327 -21.82 11.34 -2.48
N ARG B 328 -22.37 10.18 -2.14
CA ARG B 328 -23.80 10.15 -1.85
C ARG B 328 -24.24 9.28 -0.70
N SER B 329 -23.31 8.77 0.08
CA SER B 329 -23.68 7.92 1.19
C SER B 329 -23.98 8.68 2.50
N VAL B 330 -24.04 9.99 2.42
CA VAL B 330 -24.26 10.77 3.62
C VAL B 330 -25.24 11.92 3.48
N ALA B 331 -26.14 12.04 4.47
CA ALA B 331 -27.14 13.11 4.48
C ALA B 331 -27.01 13.94 5.75
N ASP B 332 -27.72 15.06 5.81
CA ASP B 332 -27.69 15.91 6.99
C ASP B 332 -28.22 15.12 8.18
N GLY B 333 -27.68 15.40 9.36
CA GLY B 333 -28.12 14.76 10.61
C GLY B 333 -29.28 15.58 11.20
N PRO B 334 -29.85 15.10 12.28
CA PRO B 334 -30.96 15.80 12.89
C PRO B 334 -30.56 17.03 13.70
N PHE B 335 -29.32 17.46 13.55
CA PHE B 335 -28.84 18.62 14.28
C PHE B 335 -28.26 19.68 13.35
N ARG B 336 -28.28 19.41 12.04
CA ARG B 336 -27.69 20.33 11.06
C ARG B 336 -28.03 21.82 11.16
N ASP B 337 -29.31 22.13 11.24
CA ASP B 337 -29.77 23.52 11.31
C ASP B 337 -29.42 24.17 12.64
N TYR B 338 -29.15 23.35 13.64
CA TYR B 338 -28.80 23.86 14.95
C TYR B 338 -27.28 24.03 15.13
N ARG B 339 -26.66 25.01 14.47
CA ARG B 339 -25.20 25.20 14.67
C ARG B 339 -24.68 26.55 14.25
N9 GUN C . -7.22 -0.21 4.06
C8 GUN C . -6.21 0.32 4.81
N7 GUN C . -5.36 -0.57 5.25
C5 GUN C . -5.84 -1.77 4.75
C6 GUN C . -5.34 -3.09 4.90
O6 GUN C . -4.33 -3.45 5.52
N1 GUN C . -6.13 -4.02 4.25
C2 GUN C . -7.26 -3.72 3.54
N2 GUN C . -7.89 -4.76 2.97
N3 GUN C . -7.74 -2.50 3.39
C4 GUN C . -6.98 -1.57 4.02
#